data_9F1O
#
_entry.id   9F1O
#
_cell.length_a   49.974
_cell.length_b   84.812
_cell.length_c   128.276
_cell.angle_alpha   90.00
_cell.angle_beta   90.00
_cell.angle_gamma   90.00
#
_symmetry.space_group_name_H-M   'P 21 21 21'
#
loop_
_entity.id
_entity.type
_entity.pdbx_description
1 polymer 'Dyp-type peroxidase PROSS variant'
2 non-polymer 'OXYGEN MOLECULE'
3 non-polymer 'PROTOPORPHYRIN IX CONTAINING FE'
4 non-polymer 'CHLORIDE ION'
5 water water
#
_entity_poly.entity_id   1
_entity_poly.type   'polypeptide(L)'
_entity_poly.pdbx_seq_one_letter_code
;MPFQQGILATPVPAHAVHLFFTLQSPEDLPAALDRLLPQVDGKQLLLGIGAPLAKALGREIPGLRPFPLLDAAVENPSTQ
HALWLWLRGDDRGDLFHRAQALIQALAPAFVLADEVDGFRYRDGHDLTGYEDGTENPQGDEAVEAAIADDGSSFAAFQLW
KHDLDYFKSLPQAEQDNIIGRRLSDNEELDDAPESAHVKRTAQESFEPEAFMVRRSMSWADGRGAGLAFVALGHSFDAFE
VQLRRMSGLEDGIIDGLYRFSRPLTGGYYWCPPMSETGVDLSALLRA
;
_entity_poly.pdbx_strand_id   A,B
#
loop_
_chem_comp.id
_chem_comp.type
_chem_comp.name
_chem_comp.formula
CL non-polymer 'CHLORIDE ION' 'Cl -1'
HEM non-polymer 'PROTOPORPHYRIN IX CONTAINING FE' 'C34 H32 Fe N4 O4'
OXY non-polymer 'OXYGEN MOLECULE' O2
#
# COMPACT_ATOMS: atom_id res chain seq x y z
N PHE A 3 -19.03 18.87 14.14
CA PHE A 3 -18.20 17.75 13.72
C PHE A 3 -18.74 16.43 14.26
N GLN A 4 -18.31 15.32 13.66
CA GLN A 4 -18.67 14.00 14.16
C GLN A 4 -18.07 13.80 15.55
N GLN A 5 -18.94 13.73 16.55
CA GLN A 5 -18.49 13.81 17.94
C GLN A 5 -17.57 12.65 18.32
N GLY A 6 -17.74 11.49 17.68
CA GLY A 6 -16.90 10.34 17.98
C GLY A 6 -15.42 10.57 17.77
N ILE A 7 -15.05 11.57 16.96
CA ILE A 7 -13.65 11.87 16.72
C ILE A 7 -12.92 12.15 18.02
N LEU A 8 -13.55 12.91 18.91
CA LEU A 8 -12.92 13.35 20.15
C LEU A 8 -13.57 12.78 21.40
N ALA A 9 -14.79 12.24 21.29
CA ALA A 9 -15.54 11.81 22.46
C ALA A 9 -14.82 10.69 23.21
N THR A 10 -14.80 10.81 24.53
CA THR A 10 -14.19 9.85 25.43
C THR A 10 -15.19 9.53 26.54
N PRO A 11 -15.09 8.35 27.17
CA PRO A 11 -14.13 7.26 26.93
C PRO A 11 -14.32 6.55 25.60
N VAL A 12 -13.21 6.08 25.03
CA VAL A 12 -13.29 5.28 23.80
C VAL A 12 -13.92 3.93 24.11
N PRO A 13 -14.91 3.48 23.35
CA PRO A 13 -15.45 2.13 23.56
C PRO A 13 -14.36 1.07 23.40
N ALA A 14 -14.63 -0.11 23.96
CA ALA A 14 -13.62 -1.16 24.02
C ALA A 14 -13.31 -1.74 22.65
N HIS A 15 -14.22 -1.62 21.68
CA HIS A 15 -14.04 -2.26 20.39
C HIS A 15 -14.35 -1.29 19.26
N ALA A 16 -13.70 -1.51 18.13
CA ALA A 16 -13.97 -0.76 16.91
C ALA A 16 -13.82 -1.70 15.71
N VAL A 17 -14.61 -1.45 14.68
CA VAL A 17 -14.48 -2.11 13.40
C VAL A 17 -14.26 -1.05 12.33
N HIS A 18 -13.10 -1.10 11.68
CA HIS A 18 -12.79 -0.21 10.57
C HIS A 18 -13.03 -0.96 9.27
N LEU A 19 -13.89 -0.40 8.42
CA LEU A 19 -14.18 -0.95 7.11
C LEU A 19 -13.75 0.02 6.03
N PHE A 20 -13.09 -0.51 5.00
CA PHE A 20 -12.63 0.29 3.88
C PHE A 20 -13.18 -0.30 2.59
N PHE A 21 -13.68 0.57 1.71
CA PHE A 21 -14.43 0.15 0.54
C PHE A 21 -13.82 0.72 -0.72
N THR A 22 -13.86 -0.07 -1.79
CA THR A 22 -13.48 0.37 -3.12
C THR A 22 -14.73 0.61 -3.96
N LEU A 23 -14.76 1.72 -4.68
CA LEU A 23 -15.90 2.05 -5.54
C LEU A 23 -15.75 1.29 -6.85
N GLN A 24 -16.62 0.30 -7.07
CA GLN A 24 -16.57 -0.52 -8.28
C GLN A 24 -17.70 -0.29 -9.25
N SER A 25 -18.85 0.22 -8.80
CA SER A 25 -19.97 0.54 -9.68
C SER A 25 -20.49 1.94 -9.35
N PRO A 26 -19.93 2.96 -10.01
CA PRO A 26 -20.39 4.34 -9.73
C PRO A 26 -21.86 4.57 -10.01
N GLU A 27 -22.44 3.83 -10.97
CA GLU A 27 -23.85 4.04 -11.31
C GLU A 27 -24.77 3.71 -10.13
N ASP A 28 -24.35 2.81 -9.25
CA ASP A 28 -25.15 2.39 -8.10
C ASP A 28 -24.86 3.19 -6.85
N LEU A 29 -24.01 4.22 -6.94
CA LEU A 29 -23.64 5.01 -5.78
C LEU A 29 -24.82 5.72 -5.11
N PRO A 30 -25.77 6.34 -5.84
CA PRO A 30 -26.86 7.06 -5.13
C PRO A 30 -27.66 6.18 -4.18
N ALA A 31 -28.03 4.97 -4.61
CA ALA A 31 -28.80 4.09 -3.73
C ALA A 31 -27.98 3.68 -2.50
N ALA A 32 -26.67 3.46 -2.69
CA ALA A 32 -25.81 3.11 -1.56
C ALA A 32 -25.75 4.25 -0.55
N LEU A 33 -25.57 5.48 -1.03
CA LEU A 33 -25.53 6.63 -0.12
C LEU A 33 -26.88 6.87 0.53
N ASP A 34 -27.98 6.63 -0.19
CA ASP A 34 -29.30 6.78 0.40
C ASP A 34 -29.50 5.83 1.57
N ARG A 35 -28.91 4.63 1.51
CA ARG A 35 -29.01 3.68 2.62
C ARG A 35 -28.00 3.96 3.72
N LEU A 36 -26.83 4.49 3.36
CA LEU A 36 -25.76 4.67 4.35
C LEU A 36 -25.94 5.93 5.18
N LEU A 37 -26.12 7.07 4.52
CA LEU A 37 -25.99 8.36 5.21
C LEU A 37 -26.96 8.55 6.38
N PRO A 38 -28.24 8.15 6.31
CA PRO A 38 -29.09 8.30 7.51
C PRO A 38 -28.58 7.54 8.73
N GLN A 39 -27.68 6.58 8.54
CA GLN A 39 -27.15 5.78 9.63
C GLN A 39 -25.88 6.36 10.24
N VAL A 40 -25.31 7.40 9.64
CA VAL A 40 -24.07 7.99 10.13
C VAL A 40 -24.42 9.01 11.18
N ASP A 41 -24.16 8.69 12.44
CA ASP A 41 -24.44 9.57 13.57
C ASP A 41 -23.19 10.25 14.10
N GLY A 42 -22.02 9.93 13.56
CA GLY A 42 -20.78 10.49 14.05
C GLY A 42 -20.36 10.03 15.42
N LYS A 43 -21.06 9.07 16.02
CA LYS A 43 -20.74 8.57 17.36
C LYS A 43 -20.47 7.08 17.36
N GLN A 44 -21.47 6.25 17.03
CA GLN A 44 -21.23 4.82 16.88
C GLN A 44 -20.88 4.44 15.45
N LEU A 45 -21.17 5.29 14.48
CA LEU A 45 -20.78 5.08 13.09
C LEU A 45 -20.22 6.39 12.55
N LEU A 46 -18.93 6.38 12.22
CA LEU A 46 -18.27 7.55 11.64
C LEU A 46 -17.91 7.26 10.19
N LEU A 47 -17.82 8.33 9.40
CA LEU A 47 -17.67 8.21 7.95
C LEU A 47 -16.46 9.00 7.48
N GLY A 48 -15.66 8.40 6.62
CA GLY A 48 -14.57 9.10 5.97
C GLY A 48 -14.62 8.89 4.46
N ILE A 49 -14.18 9.91 3.73
CA ILE A 49 -14.24 9.94 2.28
C ILE A 49 -12.82 10.01 1.75
N GLY A 50 -12.50 9.11 0.81
CA GLY A 50 -11.19 9.06 0.21
C GLY A 50 -11.14 9.80 -1.11
N ALA A 51 -9.91 10.18 -1.50
CA ALA A 51 -9.70 10.86 -2.77
C ALA A 51 -10.29 10.14 -3.98
N PRO A 52 -10.21 8.81 -4.11
CA PRO A 52 -10.82 8.18 -5.31
C PRO A 52 -12.30 8.47 -5.46
N LEU A 53 -13.05 8.53 -4.37
CA LEU A 53 -14.47 8.81 -4.47
C LEU A 53 -14.73 10.24 -4.95
N ALA A 54 -13.98 11.20 -4.42
CA ALA A 54 -14.07 12.57 -4.93
C ALA A 54 -13.66 12.65 -6.39
N LYS A 55 -12.59 11.94 -6.76
CA LYS A 55 -12.15 11.91 -8.15
C LYS A 55 -13.24 11.30 -9.04
N ALA A 56 -13.94 10.28 -8.55
CA ALA A 56 -14.96 9.62 -9.35
C ALA A 56 -16.16 10.53 -9.62
N LEU A 57 -16.43 11.47 -8.72
CA LEU A 57 -17.54 12.40 -8.90
C LEU A 57 -17.10 13.72 -9.53
N GLY A 58 -15.83 13.85 -9.92
CA GLY A 58 -15.37 15.10 -10.49
C GLY A 58 -15.37 16.25 -9.51
N ARG A 59 -15.29 15.96 -8.22
CA ARG A 59 -15.34 16.96 -7.17
C ARG A 59 -13.98 17.05 -6.48
N GLU A 60 -13.54 18.27 -6.20
CA GLU A 60 -12.29 18.50 -5.48
C GLU A 60 -12.64 18.98 -4.08
N ILE A 61 -12.39 18.15 -3.09
CA ILE A 61 -12.63 18.48 -1.70
C ILE A 61 -11.41 19.22 -1.16
N PRO A 62 -11.57 20.45 -0.65
CA PRO A 62 -10.40 21.18 -0.14
C PRO A 62 -9.74 20.43 1.01
N GLY A 63 -8.43 20.22 0.89
CA GLY A 63 -7.69 19.49 1.90
C GLY A 63 -7.59 17.99 1.68
N LEU A 64 -8.37 17.43 0.77
CA LEU A 64 -8.38 15.98 0.56
C LEU A 64 -7.40 15.59 -0.54
N ARG A 65 -6.56 14.61 -0.25
CA ARG A 65 -5.61 14.08 -1.21
C ARG A 65 -5.29 12.65 -0.79
N PRO A 66 -4.71 11.85 -1.70
CA PRO A 66 -4.36 10.48 -1.32
C PRO A 66 -3.23 10.45 -0.30
N PHE A 67 -3.18 9.35 0.44
CA PHE A 67 -2.04 9.09 1.31
C PHE A 67 -0.75 9.20 0.50
N PRO A 68 0.25 9.95 0.97
CA PRO A 68 1.36 10.34 0.11
C PRO A 68 2.36 9.20 -0.08
N LEU A 69 3.24 9.41 -1.06
CA LEU A 69 4.32 8.48 -1.38
C LEU A 69 5.63 9.08 -0.85
N LEU A 70 6.17 8.47 0.20
CA LEU A 70 7.40 8.93 0.83
C LEU A 70 8.55 8.10 0.28
N ASP A 71 9.42 8.73 -0.51
CA ASP A 71 10.57 8.05 -1.11
C ASP A 71 11.71 8.07 -0.09
N ALA A 72 11.62 7.16 0.87
CA ALA A 72 12.51 7.12 2.02
C ALA A 72 13.20 5.76 2.10
N ALA A 73 14.07 5.61 3.10
CA ALA A 73 14.72 4.35 3.40
C ALA A 73 13.85 3.42 4.24
N VAL A 74 12.66 3.87 4.63
CA VAL A 74 11.67 3.02 5.28
C VAL A 74 10.39 3.06 4.44
N GLU A 75 9.50 2.10 4.73
CA GLU A 75 8.35 1.84 3.88
C GLU A 75 7.08 2.32 4.57
N ASN A 76 6.38 3.25 3.93
CA ASN A 76 5.05 3.70 4.35
C ASN A 76 4.15 3.52 3.13
N PRO A 77 3.49 2.38 3.00
CA PRO A 77 2.68 2.13 1.80
C PRO A 77 1.49 3.06 1.71
N SER A 78 1.07 3.31 0.47
CA SER A 78 -0.15 4.07 0.19
C SER A 78 -1.19 3.10 -0.34
N THR A 79 -2.18 2.78 0.48
CA THR A 79 -3.28 1.92 0.08
C THR A 79 -4.60 2.67 0.20
N GLN A 80 -4.74 3.72 -0.60
CA GLN A 80 -5.90 4.61 -0.50
C GLN A 80 -7.16 3.91 -1.00
N HIS A 81 -8.24 4.02 -0.24
CA HIS A 81 -9.55 3.52 -0.65
C HIS A 81 -10.55 4.67 -0.73
N ALA A 82 -11.75 4.34 -1.19
CA ALA A 82 -12.75 5.36 -1.50
C ALA A 82 -13.56 5.79 -0.28
N LEU A 83 -13.79 4.89 0.67
CA LEU A 83 -14.72 5.16 1.75
C LEU A 83 -14.31 4.39 3.00
N TRP A 84 -14.43 5.05 4.14
CA TRP A 84 -14.04 4.49 5.43
C TRP A 84 -15.21 4.54 6.39
N LEU A 85 -15.55 3.40 6.98
CA LEU A 85 -16.55 3.33 8.03
C LEU A 85 -15.88 2.93 9.34
N TRP A 86 -16.15 3.70 10.40
CA TRP A 86 -15.53 3.52 11.70
C TRP A 86 -16.66 3.23 12.69
N LEU A 87 -16.81 1.97 13.07
CA LEU A 87 -17.85 1.54 13.99
C LEU A 87 -17.27 1.47 15.40
N ARG A 88 -18.01 2.00 16.37
CA ARG A 88 -17.57 2.03 17.76
C ARG A 88 -18.64 1.43 18.65
N GLY A 89 -18.21 0.60 19.59
CA GLY A 89 -19.13 -0.03 20.52
C GLY A 89 -18.38 -0.89 21.51
N ASP A 90 -19.11 -1.35 22.52
CA ASP A 90 -18.55 -2.18 23.58
C ASP A 90 -18.74 -3.67 23.36
N ASP A 91 -19.62 -4.07 22.44
CA ASP A 91 -19.90 -5.48 22.20
C ASP A 91 -19.32 -5.85 20.83
N ARG A 92 -18.29 -6.71 20.85
CA ARG A 92 -17.63 -7.11 19.61
C ARG A 92 -18.59 -7.80 18.65
N GLY A 93 -19.43 -8.70 19.17
CA GLY A 93 -20.35 -9.42 18.30
C GLY A 93 -21.36 -8.50 17.62
N ASP A 94 -21.86 -7.50 18.35
CA ASP A 94 -22.80 -6.56 17.76
C ASP A 94 -22.15 -5.73 16.66
N LEU A 95 -20.88 -5.38 16.81
CA LEU A 95 -20.18 -4.61 15.79
C LEU A 95 -20.06 -5.40 14.49
N PHE A 96 -19.78 -6.71 14.59
CA PHE A 96 -19.63 -7.51 13.39
C PHE A 96 -20.93 -7.59 12.61
N HIS A 97 -22.05 -7.79 13.31
CA HIS A 97 -23.35 -7.85 12.65
C HIS A 97 -23.73 -6.49 12.06
N ARG A 98 -23.43 -5.41 12.78
CA ARG A 98 -23.63 -4.08 12.22
C ARG A 98 -22.76 -3.88 10.98
N ALA A 99 -21.52 -4.35 11.04
CA ALA A 99 -20.61 -4.25 9.90
C ALA A 99 -21.16 -4.99 8.70
N GLN A 100 -21.63 -6.23 8.90
CA GLN A 100 -22.14 -7.03 7.79
C GLN A 100 -23.32 -6.35 7.10
N ALA A 101 -24.24 -5.79 7.89
CA ALA A 101 -25.38 -5.08 7.32
C ALA A 101 -24.91 -3.88 6.51
N LEU A 102 -23.91 -3.14 7.01
CA LEU A 102 -23.41 -1.99 6.29
C LEU A 102 -22.70 -2.39 5.02
N ILE A 103 -21.90 -3.47 5.07
CA ILE A 103 -21.23 -3.95 3.87
C ILE A 103 -22.24 -4.29 2.78
N GLN A 104 -23.30 -5.03 3.15
CA GLN A 104 -24.32 -5.37 2.16
C GLN A 104 -25.10 -4.15 1.73
N ALA A 105 -25.28 -3.17 2.63
CA ALA A 105 -25.98 -1.95 2.28
C ALA A 105 -25.24 -1.14 1.23
N LEU A 106 -23.90 -1.22 1.21
CA LEU A 106 -23.12 -0.44 0.27
C LEU A 106 -22.92 -1.11 -1.08
N ALA A 107 -23.18 -2.42 -1.19
CA ALA A 107 -23.08 -3.05 -2.48
C ALA A 107 -24.28 -2.66 -3.34
N PRO A 108 -24.22 -2.86 -4.67
CA PRO A 108 -23.07 -3.24 -5.49
C PRO A 108 -22.10 -2.07 -5.72
N ALA A 109 -22.45 -0.88 -5.21
CA ALA A 109 -21.66 0.31 -5.48
C ALA A 109 -20.22 0.13 -4.99
N PHE A 110 -20.07 -0.32 -3.76
CA PHE A 110 -18.77 -0.50 -3.13
C PHE A 110 -18.52 -1.98 -2.89
N VAL A 111 -17.24 -2.37 -2.91
CA VAL A 111 -16.81 -3.67 -2.45
C VAL A 111 -15.87 -3.47 -1.27
N LEU A 112 -15.93 -4.37 -0.30
CA LEU A 112 -15.06 -4.28 0.87
C LEU A 112 -13.63 -4.58 0.46
N ALA A 113 -12.72 -3.63 0.72
CA ALA A 113 -11.31 -3.80 0.39
C ALA A 113 -10.46 -4.19 1.59
N ASP A 114 -10.81 -3.74 2.79
CA ASP A 114 -10.00 -4.02 3.97
C ASP A 114 -10.87 -3.88 5.20
N GLU A 115 -10.53 -4.64 6.24
CA GLU A 115 -11.19 -4.55 7.53
C GLU A 115 -10.17 -4.71 8.66
N VAL A 116 -10.30 -3.88 9.68
CA VAL A 116 -9.46 -3.96 10.87
C VAL A 116 -10.37 -3.97 12.09
N ASP A 117 -10.21 -4.99 12.93
CA ASP A 117 -10.96 -5.10 14.18
C ASP A 117 -10.07 -4.63 15.32
N GLY A 118 -10.37 -3.46 15.87
CA GLY A 118 -9.59 -2.87 16.94
C GLY A 118 -10.17 -3.17 18.30
N PHE A 119 -9.29 -3.28 19.30
CA PHE A 119 -9.69 -3.47 20.68
C PHE A 119 -8.75 -2.66 21.56
N ARG A 120 -9.24 -2.30 22.75
CA ARG A 120 -8.51 -1.41 23.65
C ARG A 120 -7.76 -2.18 24.71
N GLY A 129 5.07 -3.03 25.43
CA GLY A 129 3.81 -2.69 26.06
C GLY A 129 3.81 -1.31 26.69
N TYR A 130 4.01 -0.30 25.86
CA TYR A 130 4.09 1.08 26.33
C TYR A 130 2.70 1.71 26.37
N GLU A 131 2.66 3.00 26.73
CA GLU A 131 1.41 3.73 26.94
C GLU A 131 1.14 4.60 25.73
N ASP A 132 0.61 3.97 24.68
CA ASP A 132 0.35 4.68 23.44
C ASP A 132 -0.87 5.59 23.58
N GLY A 133 -0.81 6.73 22.90
CA GLY A 133 -1.91 7.67 22.83
C GLY A 133 -2.02 8.72 23.92
N THR A 134 -1.12 8.76 24.90
CA THR A 134 -1.15 9.89 25.81
C THR A 134 -0.57 11.12 25.11
N GLU A 135 -0.51 12.24 25.83
CA GLU A 135 -0.04 13.54 25.32
C GLU A 135 -0.94 14.08 24.23
N ASN A 136 -2.10 13.47 24.01
CA ASN A 136 -3.07 13.99 23.07
C ASN A 136 -3.63 15.32 23.57
N PRO A 137 -3.86 16.29 22.68
CA PRO A 137 -4.52 17.53 23.11
C PRO A 137 -5.87 17.22 23.72
N GLN A 138 -6.28 18.06 24.67
CA GLN A 138 -7.50 17.83 25.43
C GLN A 138 -8.39 19.07 25.36
N GLY A 139 -9.69 18.85 25.60
CA GLY A 139 -10.63 19.96 25.71
C GLY A 139 -10.73 20.74 24.42
N ASP A 140 -10.70 22.08 24.56
CA ASP A 140 -10.79 22.93 23.38
C ASP A 140 -9.57 22.80 22.49
N GLU A 141 -8.41 22.43 23.06
CA GLU A 141 -7.22 22.24 22.25
C GLU A 141 -7.35 21.03 21.34
N ALA A 142 -8.09 20.00 21.77
CA ALA A 142 -8.31 18.84 20.92
C ALA A 142 -9.20 19.21 19.72
N VAL A 143 -10.23 20.03 19.96
CA VAL A 143 -11.05 20.54 18.87
C VAL A 143 -10.21 21.34 17.90
N GLU A 144 -9.38 22.24 18.41
CA GLU A 144 -8.54 23.08 17.57
C GLU A 144 -7.56 22.25 16.75
N ALA A 145 -6.99 21.20 17.36
CA ALA A 145 -6.00 20.39 16.66
C ALA A 145 -6.62 19.50 15.59
N ALA A 146 -7.83 19.00 15.82
CA ALA A 146 -8.40 17.95 14.99
C ALA A 146 -9.51 18.40 14.05
N ILE A 147 -10.19 19.50 14.33
CA ILE A 147 -11.40 19.89 13.61
C ILE A 147 -11.13 21.17 12.83
N ALA A 148 -11.42 21.14 11.53
CA ALA A 148 -11.34 22.33 10.71
C ALA A 148 -12.53 23.26 11.00
N ASP A 149 -12.46 24.48 10.45
CA ASP A 149 -13.45 25.50 10.76
C ASP A 149 -14.87 25.05 10.40
N ASP A 150 -15.02 24.33 9.29
CA ASP A 150 -16.33 23.87 8.86
C ASP A 150 -16.84 22.65 9.62
N GLY A 151 -16.07 22.13 10.56
CA GLY A 151 -16.44 20.92 11.27
C GLY A 151 -15.89 19.65 10.66
N SER A 152 -15.10 19.74 9.59
CA SER A 152 -14.48 18.57 9.01
C SER A 152 -13.26 18.17 9.82
N SER A 153 -12.85 16.91 9.64
CA SER A 153 -11.57 16.44 10.14
C SER A 153 -10.90 15.63 9.04
N PHE A 154 -9.59 15.48 9.15
CA PHE A 154 -8.78 14.81 8.14
C PHE A 154 -7.96 13.73 8.85
N ALA A 155 -8.27 12.47 8.56
CA ALA A 155 -7.76 11.34 9.32
C ALA A 155 -6.78 10.54 8.49
N ALA A 156 -5.62 10.25 9.06
CA ALA A 156 -4.64 9.35 8.48
C ALA A 156 -4.69 8.01 9.21
N PHE A 157 -4.74 6.93 8.45
CA PHE A 157 -4.89 5.59 9.00
C PHE A 157 -3.72 4.73 8.55
N GLN A 158 -3.06 4.10 9.51
CA GLN A 158 -1.97 3.17 9.23
C GLN A 158 -2.13 1.94 10.11
N LEU A 159 -2.08 0.76 9.50
CA LEU A 159 -2.10 -0.51 10.24
C LEU A 159 -0.66 -0.94 10.49
N TRP A 160 -0.15 -0.67 11.69
CA TRP A 160 1.23 -0.99 12.03
C TRP A 160 1.31 -2.41 12.59
N LYS A 161 2.29 -3.17 12.13
CA LYS A 161 2.54 -4.53 12.56
C LYS A 161 3.83 -4.58 13.37
N HIS A 162 3.76 -5.15 14.57
CA HIS A 162 4.91 -5.19 15.46
C HIS A 162 5.60 -6.55 15.42
N ASP A 163 6.88 -6.53 15.78
CA ASP A 163 7.67 -7.72 16.06
C ASP A 163 8.09 -7.60 17.52
N LEU A 164 7.18 -7.94 18.43
CA LEU A 164 7.46 -7.82 19.86
C LEU A 164 8.52 -8.81 20.31
N ASP A 165 8.68 -9.93 19.61
CA ASP A 165 9.76 -10.86 19.92
C ASP A 165 11.11 -10.17 19.83
N TYR A 166 11.32 -9.35 18.81
CA TYR A 166 12.57 -8.62 18.67
C TYR A 166 12.66 -7.47 19.67
N PHE A 167 11.55 -6.76 19.89
CA PHE A 167 11.61 -5.58 20.74
C PHE A 167 11.86 -5.94 22.20
N LYS A 168 11.16 -6.94 22.72
CA LYS A 168 11.36 -7.37 24.10
C LYS A 168 12.61 -8.23 24.28
N SER A 169 13.26 -8.63 23.19
CA SER A 169 14.56 -9.29 23.29
C SER A 169 15.69 -8.31 23.55
N LEU A 170 15.46 -7.04 23.24
CA LEU A 170 16.46 -6.01 23.50
C LEU A 170 16.52 -5.71 24.99
N PRO A 171 17.69 -5.30 25.50
CA PRO A 171 17.77 -4.86 26.89
C PRO A 171 16.87 -3.66 27.12
N GLN A 172 16.34 -3.55 28.34
CA GLN A 172 15.34 -2.53 28.64
C GLN A 172 15.85 -1.13 28.33
N ALA A 173 17.16 -0.90 28.43
CA ALA A 173 17.72 0.40 28.10
C ALA A 173 17.55 0.72 26.62
N GLU A 174 17.76 -0.28 25.75
CA GLU A 174 17.59 -0.05 24.32
C GLU A 174 16.12 0.08 23.94
N GLN A 175 15.24 -0.70 24.59
CA GLN A 175 13.81 -0.52 24.38
C GLN A 175 13.38 0.90 24.70
N ASP A 176 13.81 1.43 25.85
CA ASP A 176 13.44 2.78 26.23
C ASP A 176 14.06 3.81 25.31
N ASN A 177 15.25 3.53 24.76
CA ASN A 177 15.87 4.45 23.82
C ASN A 177 15.12 4.50 22.49
N ILE A 178 14.42 3.42 22.14
CA ILE A 178 13.65 3.43 20.89
C ILE A 178 12.40 4.28 21.03
N ILE A 179 11.70 4.17 22.17
CA ILE A 179 10.50 4.97 22.38
C ILE A 179 10.87 6.36 22.86
N GLY A 180 11.84 6.46 23.76
CA GLY A 180 12.20 7.72 24.37
C GLY A 180 11.64 7.96 25.75
N ARG A 181 11.02 6.94 26.36
CA ARG A 181 10.48 7.05 27.70
C ARG A 181 10.73 5.74 28.44
N ARG A 182 10.75 5.82 29.77
CA ARG A 182 10.94 4.62 30.57
C ARG A 182 9.67 3.77 30.54
N LEU A 183 9.86 2.44 30.47
CA LEU A 183 8.72 1.54 30.56
C LEU A 183 8.18 1.45 31.97
N SER A 184 9.00 1.75 32.98
CA SER A 184 8.57 1.60 34.36
C SER A 184 7.53 2.65 34.74
N ASP A 185 7.83 3.93 34.47
CA ASP A 185 6.96 5.01 34.92
C ASP A 185 6.62 6.01 33.81
N ASN A 186 6.87 5.67 32.55
CA ASN A 186 6.56 6.53 31.40
C ASN A 186 7.23 7.90 31.54
N GLU A 187 8.42 7.93 32.13
CA GLU A 187 9.15 9.18 32.30
C GLU A 187 9.92 9.51 31.02
N GLU A 188 9.81 10.76 30.57
CA GLU A 188 10.50 11.20 29.37
C GLU A 188 12.02 11.17 29.58
N LEU A 189 12.73 10.78 28.53
CA LEU A 189 14.19 10.68 28.55
C LEU A 189 14.75 11.85 27.75
N ASP A 190 15.38 12.80 28.43
CA ASP A 190 15.96 13.95 27.75
C ASP A 190 17.25 13.59 27.02
N ASP A 191 18.03 12.66 27.57
CA ASP A 191 19.25 12.20 26.94
C ASP A 191 19.01 11.10 25.90
N ALA A 192 17.75 10.84 25.56
CA ALA A 192 17.43 9.84 24.56
C ALA A 192 17.95 10.29 23.18
N PRO A 193 18.32 9.34 22.33
CA PRO A 193 18.81 9.72 20.99
C PRO A 193 17.73 10.42 20.19
N GLU A 194 18.17 11.21 19.20
CA GLU A 194 17.23 11.92 18.34
C GLU A 194 16.33 10.97 17.56
N SER A 195 16.73 9.70 17.41
CA SER A 195 15.90 8.71 16.73
C SER A 195 14.76 8.20 17.60
N ALA A 196 14.75 8.51 18.90
CA ALA A 196 13.69 8.06 19.77
C ALA A 196 12.34 8.59 19.27
N HIS A 197 11.30 7.76 19.43
CA HIS A 197 10.01 8.06 18.80
C HIS A 197 9.44 9.39 19.29
N VAL A 198 9.41 9.60 20.61
CA VAL A 198 8.81 10.83 21.13
C VAL A 198 9.65 12.05 20.78
N LYS A 199 10.93 11.86 20.45
CA LYS A 199 11.73 12.98 19.95
C LYS A 199 11.47 13.24 18.47
N ARG A 200 11.13 12.20 17.71
CA ARG A 200 10.77 12.40 16.31
C ARG A 200 9.41 13.07 16.18
N THR A 201 8.48 12.77 17.08
CA THR A 201 7.09 13.22 16.97
C THR A 201 6.76 14.36 17.92
N ALA A 202 7.76 14.98 18.53
CA ALA A 202 7.53 16.11 19.42
C ALA A 202 6.71 17.18 18.71
N GLN A 203 5.42 17.27 19.07
CA GLN A 203 4.50 18.14 18.35
C GLN A 203 4.93 19.60 18.41
N GLU A 204 5.61 19.99 19.50
CA GLU A 204 6.08 21.36 19.65
C GLU A 204 7.35 21.64 18.84
N SER A 205 8.05 20.60 18.38
CA SER A 205 9.36 20.77 17.76
C SER A 205 9.30 21.14 16.28
N PHE A 206 8.11 21.24 15.70
CA PHE A 206 7.96 21.60 14.29
C PHE A 206 7.68 23.10 14.17
N GLU A 207 8.29 23.74 13.18
CA GLU A 207 8.23 25.19 13.08
C GLU A 207 6.79 25.70 13.01
N PRO A 208 5.92 25.18 12.12
CA PRO A 208 4.48 25.21 12.43
C PRO A 208 4.12 24.00 13.26
N GLU A 209 3.73 24.24 14.51
CA GLU A 209 3.49 23.14 15.46
C GLU A 209 2.55 22.10 14.87
N ALA A 210 2.90 20.83 15.09
CA ALA A 210 2.22 19.72 14.44
C ALA A 210 1.38 18.92 15.43
N PHE A 211 0.42 19.56 16.07
CA PHE A 211 -0.46 18.85 16.99
C PHE A 211 -1.58 18.12 16.25
N MET A 212 -1.86 16.91 16.72
CA MET A 212 -2.91 16.06 16.17
C MET A 212 -3.53 15.26 17.30
N VAL A 213 -4.73 14.73 17.05
CA VAL A 213 -5.41 13.88 18.01
C VAL A 213 -5.30 12.44 17.55
N ARG A 214 -4.65 11.60 18.35
CA ARG A 214 -4.45 10.19 18.04
C ARG A 214 -5.52 9.35 18.73
N ARG A 215 -6.07 8.38 17.99
CA ARG A 215 -7.15 7.52 18.47
C ARG A 215 -6.88 6.07 18.05
N SER A 216 -5.75 5.54 18.50
CA SER A 216 -5.30 4.22 18.05
C SER A 216 -5.91 3.10 18.87
N MET A 217 -5.86 1.89 18.30
CA MET A 217 -6.36 0.68 18.94
C MET A 217 -5.41 -0.47 18.60
N SER A 218 -5.42 -1.49 19.44
CA SER A 218 -4.69 -2.71 19.12
C SER A 218 -5.49 -3.57 18.15
N TRP A 219 -4.76 -4.41 17.40
CA TRP A 219 -5.38 -5.33 16.46
C TRP A 219 -4.58 -6.63 16.43
N ALA A 220 -5.22 -7.69 15.95
CA ALA A 220 -4.56 -8.99 15.82
C ALA A 220 -5.40 -9.89 14.93
N ASP A 221 -4.84 -10.27 13.79
CA ASP A 221 -5.46 -11.28 12.93
C ASP A 221 -4.35 -12.00 12.17
N GLY A 222 -4.70 -12.64 11.05
CA GLY A 222 -3.74 -13.39 10.26
C GLY A 222 -2.57 -12.58 9.75
N ARG A 223 -2.73 -11.26 9.66
CA ARG A 223 -1.64 -10.39 9.21
C ARG A 223 -0.59 -10.14 10.28
N GLY A 224 -0.84 -10.54 11.53
CA GLY A 224 0.05 -10.27 12.63
C GLY A 224 -0.66 -9.54 13.76
N ALA A 225 0.10 -8.72 14.48
CA ALA A 225 -0.45 -7.95 15.58
C ALA A 225 0.27 -6.62 15.66
N GLY A 226 -0.42 -5.61 16.20
CA GLY A 226 0.19 -4.30 16.37
C GLY A 226 -0.79 -3.21 16.72
N LEU A 227 -0.56 -2.02 16.16
CA LEU A 227 -1.35 -0.83 16.46
C LEU A 227 -2.06 -0.36 15.20
N ALA A 228 -3.38 -0.17 15.31
CA ALA A 228 -4.16 0.50 14.27
C ALA A 228 -4.08 2.00 14.53
N PHE A 229 -3.17 2.67 13.84
CA PHE A 229 -2.89 4.08 14.12
C PHE A 229 -3.86 4.98 13.39
N VAL A 230 -4.45 5.93 14.12
CA VAL A 230 -5.42 6.89 13.58
C VAL A 230 -5.02 8.27 14.08
N ALA A 231 -4.70 9.17 13.17
CA ALA A 231 -4.32 10.55 13.49
C ALA A 231 -5.30 11.50 12.83
N LEU A 232 -6.00 12.29 13.64
CA LEU A 232 -7.02 13.22 13.17
C LEU A 232 -6.53 14.65 13.36
N GLY A 233 -6.61 15.44 12.29
CA GLY A 233 -6.20 16.83 12.36
C GLY A 233 -7.13 17.71 11.53
N HIS A 234 -7.04 19.01 11.79
CA HIS A 234 -7.77 19.98 10.97
C HIS A 234 -7.22 20.03 9.55
N SER A 235 -6.08 19.40 9.30
CA SER A 235 -5.59 19.09 7.97
C SER A 235 -4.64 17.90 8.10
N PHE A 236 -4.14 17.41 6.98
CA PHE A 236 -3.20 16.30 7.02
C PHE A 236 -1.77 16.76 7.32
N ASP A 237 -1.53 18.07 7.43
CA ASP A 237 -0.16 18.57 7.49
C ASP A 237 0.59 18.05 8.72
N ALA A 238 -0.07 18.04 9.87
CA ALA A 238 0.58 17.61 11.10
C ALA A 238 1.07 16.17 10.98
N PHE A 239 0.19 15.25 10.60
CA PHE A 239 0.58 13.85 10.41
C PHE A 239 1.70 13.74 9.38
N GLU A 240 1.62 14.48 8.28
CA GLU A 240 2.55 14.26 7.17
C GLU A 240 3.95 14.76 7.52
N VAL A 241 4.06 15.92 8.16
CA VAL A 241 5.39 16.41 8.52
C VAL A 241 6.02 15.51 9.57
N GLN A 242 5.20 14.96 10.48
CA GLN A 242 5.71 14.02 11.47
C GLN A 242 6.17 12.73 10.82
N LEU A 243 5.36 12.19 9.90
CA LEU A 243 5.75 10.95 9.23
C LEU A 243 7.01 11.14 8.39
N ARG A 244 7.14 12.29 7.73
CA ARG A 244 8.33 12.56 6.95
C ARG A 244 9.59 12.63 7.81
N ARG A 245 9.47 13.23 9.00
CA ARG A 245 10.62 13.25 9.90
C ARG A 245 10.92 11.86 10.43
N MET A 246 9.88 11.10 10.79
CA MET A 246 10.08 9.72 11.23
C MET A 246 10.78 8.89 10.15
N SER A 247 10.51 9.20 8.88
CA SER A 247 11.05 8.45 7.76
C SER A 247 12.44 8.91 7.34
N GLY A 248 13.06 9.82 8.10
CA GLY A 248 14.39 10.29 7.77
C GLY A 248 14.46 11.33 6.67
N LEU A 249 13.33 11.84 6.18
CA LEU A 249 13.34 12.79 5.09
C LEU A 249 13.74 14.20 5.52
N GLU A 250 13.77 14.47 6.82
CA GLU A 250 14.12 15.79 7.31
C GLU A 250 15.61 15.93 7.60
N ASP A 251 16.19 14.96 8.33
CA ASP A 251 17.59 15.03 8.73
C ASP A 251 18.32 13.71 8.56
N GLY A 252 17.77 12.79 7.78
CA GLY A 252 18.39 11.49 7.60
C GLY A 252 18.28 10.56 8.78
N ILE A 253 17.68 10.98 9.88
CA ILE A 253 17.56 10.19 11.09
C ILE A 253 16.19 9.53 11.10
N ILE A 254 16.18 8.20 11.15
CA ILE A 254 14.96 7.41 11.06
C ILE A 254 14.45 7.08 12.46
N ASP A 255 13.13 7.14 12.64
CA ASP A 255 12.51 6.78 13.91
C ASP A 255 12.86 5.35 14.28
N GLY A 256 13.19 5.16 15.56
CA GLY A 256 13.51 3.83 16.07
C GLY A 256 12.35 2.84 15.99
N LEU A 257 11.11 3.34 15.89
CA LEU A 257 9.95 2.46 15.71
C LEU A 257 10.13 1.51 14.54
N TYR A 258 10.71 2.00 13.43
CA TYR A 258 10.85 1.19 12.23
C TYR A 258 11.79 0.01 12.42
N ARG A 259 12.51 -0.05 13.53
CA ARG A 259 13.39 -1.19 13.79
C ARG A 259 12.61 -2.44 14.15
N PHE A 260 11.40 -2.29 14.70
CA PHE A 260 10.59 -3.45 15.10
C PHE A 260 9.15 -3.37 14.64
N SER A 261 8.76 -2.33 13.91
CA SER A 261 7.38 -2.16 13.49
C SER A 261 7.36 -1.51 12.12
N ARG A 262 6.29 -1.80 11.37
CA ARG A 262 6.16 -1.24 10.04
C ARG A 262 4.69 -1.14 9.67
N PRO A 263 4.28 -0.09 8.95
CA PRO A 263 2.88 0.01 8.54
C PRO A 263 2.60 -0.86 7.32
N LEU A 264 1.50 -1.61 7.38
CA LEU A 264 1.06 -2.43 6.26
C LEU A 264 0.12 -1.69 5.33
N THR A 265 -0.55 -0.64 5.81
CA THR A 265 -1.52 0.10 5.03
C THR A 265 -1.32 1.59 5.27
N GLY A 266 -1.95 2.40 4.42
CA GLY A 266 -1.92 3.85 4.57
C GLY A 266 -3.06 4.52 3.83
N GLY A 267 -3.81 5.36 4.53
CA GLY A 267 -4.94 6.03 3.90
C GLY A 267 -5.29 7.39 4.49
N TYR A 268 -5.70 8.31 3.62
CA TYR A 268 -6.18 9.63 4.01
C TYR A 268 -7.68 9.68 3.80
N TYR A 269 -8.41 10.20 4.78
CA TYR A 269 -9.85 10.29 4.66
C TYR A 269 -10.36 11.61 5.21
N TRP A 270 -11.28 12.24 4.46
CA TRP A 270 -11.96 13.44 4.91
C TRP A 270 -13.22 13.04 5.68
N CYS A 271 -13.24 13.37 6.97
CA CYS A 271 -14.43 13.13 7.79
C CYS A 271 -15.34 14.35 7.66
N PRO A 272 -16.50 14.22 7.01
CA PRO A 272 -17.33 15.39 6.76
C PRO A 272 -17.93 15.92 8.06
N PRO A 273 -18.39 17.18 8.07
CA PRO A 273 -19.03 17.71 9.27
C PRO A 273 -20.40 17.11 9.49
N MET A 274 -20.94 17.36 10.67
CA MET A 274 -22.33 17.02 10.99
C MET A 274 -23.17 18.28 10.94
N SER A 275 -24.37 18.16 10.39
CA SER A 275 -25.39 19.18 10.58
C SER A 275 -26.18 18.83 11.83
N GLU A 276 -27.17 19.67 12.16
CA GLU A 276 -28.05 19.33 13.28
C GLU A 276 -28.88 18.09 12.99
N THR A 277 -29.03 17.71 11.72
CA THR A 277 -29.91 16.61 11.34
C THR A 277 -29.17 15.39 10.81
N GLY A 278 -27.85 15.45 10.65
CA GLY A 278 -27.09 14.32 10.16
C GLY A 278 -25.81 14.77 9.51
N VAL A 279 -25.13 13.82 8.87
CA VAL A 279 -23.84 14.06 8.27
C VAL A 279 -23.99 14.92 7.01
N ASP A 280 -23.06 15.85 6.82
CA ASP A 280 -23.16 16.88 5.79
C ASP A 280 -22.14 16.58 4.69
N LEU A 281 -22.61 16.00 3.59
CA LEU A 281 -21.78 15.72 2.43
C LEU A 281 -22.03 16.68 1.27
N SER A 282 -22.55 17.88 1.57
CA SER A 282 -22.88 18.84 0.51
C SER A 282 -21.64 19.29 -0.26
N ALA A 283 -20.46 19.24 0.37
CA ALA A 283 -19.24 19.58 -0.34
C ALA A 283 -18.97 18.59 -1.48
N LEU A 284 -19.39 17.34 -1.32
CA LEU A 284 -19.17 16.29 -2.31
C LEU A 284 -20.37 16.09 -3.23
N LEU A 285 -21.58 16.13 -2.68
CA LEU A 285 -22.82 15.95 -3.42
C LEU A 285 -23.49 17.30 -3.58
N ARG A 286 -24.20 17.48 -4.70
CA ARG A 286 -24.91 18.74 -4.96
C ARG A 286 -25.79 19.18 -3.79
N PHE B 3 22.11 -10.02 -19.22
CA PHE B 3 20.96 -9.87 -18.35
C PHE B 3 20.59 -11.18 -17.67
N GLN B 4 19.80 -11.09 -16.60
CA GLN B 4 19.30 -12.28 -15.93
C GLN B 4 18.40 -13.05 -16.88
N GLN B 5 18.87 -14.23 -17.31
CA GLN B 5 18.25 -14.91 -18.44
C GLN B 5 16.80 -15.32 -18.15
N GLY B 6 16.47 -15.57 -16.89
CA GLY B 6 15.12 -15.94 -16.51
C GLY B 6 14.08 -14.88 -16.86
N ILE B 7 14.51 -13.63 -17.06
CA ILE B 7 13.58 -12.56 -17.40
C ILE B 7 12.81 -12.89 -18.66
N LEU B 8 13.49 -13.43 -19.68
CA LEU B 8 12.88 -13.66 -20.98
C LEU B 8 12.74 -15.13 -21.34
N ALA B 9 13.44 -16.03 -20.66
CA ALA B 9 13.45 -17.44 -21.08
C ALA B 9 12.05 -18.02 -21.03
N THR B 10 11.67 -18.70 -22.09
CA THR B 10 10.37 -19.35 -22.24
C THR B 10 10.58 -20.77 -22.76
N PRO B 11 9.62 -21.68 -22.49
CA PRO B 11 8.35 -21.52 -21.77
C PRO B 11 8.54 -21.23 -20.29
N VAL B 12 7.60 -20.49 -19.72
CA VAL B 12 7.64 -20.19 -18.28
C VAL B 12 7.44 -21.48 -17.50
N PRO B 13 8.27 -21.77 -16.50
CA PRO B 13 8.03 -22.94 -15.65
C PRO B 13 6.67 -22.86 -14.98
N ALA B 14 6.19 -24.01 -14.52
CA ALA B 14 4.82 -24.11 -14.02
C ALA B 14 4.61 -23.34 -12.73
N HIS B 15 5.66 -23.07 -11.97
CA HIS B 15 5.52 -22.44 -10.66
C HIS B 15 6.52 -21.31 -10.51
N ALA B 16 6.12 -20.32 -9.71
CA ALA B 16 7.00 -19.24 -9.31
C ALA B 16 6.67 -18.85 -7.88
N VAL B 17 7.68 -18.47 -7.13
CA VAL B 17 7.52 -17.90 -5.80
C VAL B 17 8.14 -16.52 -5.79
N HIS B 18 7.33 -15.50 -5.56
CA HIS B 18 7.80 -14.13 -5.45
C HIS B 18 7.90 -13.77 -3.98
N LEU B 19 9.09 -13.36 -3.54
CA LEU B 19 9.32 -12.94 -2.17
C LEU B 19 9.70 -11.48 -2.16
N PHE B 20 9.11 -10.72 -1.23
CA PHE B 20 9.41 -9.30 -1.08
C PHE B 20 9.83 -9.04 0.36
N PHE B 21 10.88 -8.24 0.51
CA PHE B 21 11.53 -8.06 1.80
C PHE B 21 11.60 -6.58 2.16
N THR B 22 11.42 -6.29 3.44
CA THR B 22 11.61 -4.96 3.99
C THR B 22 12.92 -4.92 4.77
N LEU B 23 13.70 -3.86 4.56
CA LEU B 23 14.96 -3.69 5.28
C LEU B 23 14.66 -3.10 6.65
N GLN B 24 14.87 -3.89 7.70
CA GLN B 24 14.60 -3.45 9.06
C GLN B 24 15.86 -3.21 9.90
N SER B 25 16.98 -3.83 9.55
CA SER B 25 18.25 -3.60 10.24
C SER B 25 19.33 -3.35 9.19
N PRO B 26 19.51 -2.09 8.78
CA PRO B 26 20.54 -1.79 7.76
C PRO B 26 21.94 -2.18 8.20
N GLU B 27 22.21 -2.21 9.50
CA GLU B 27 23.52 -2.56 10.00
C GLU B 27 23.91 -3.98 9.60
N ASP B 28 22.93 -4.85 9.43
CA ASP B 28 23.16 -6.25 9.08
C ASP B 28 23.08 -6.50 7.58
N LEU B 29 22.92 -5.45 6.78
CA LEU B 29 22.78 -5.62 5.34
C LEU B 29 24.01 -6.23 4.66
N PRO B 30 25.25 -5.84 4.97
CA PRO B 30 26.38 -6.42 4.23
C PRO B 30 26.48 -7.94 4.33
N ALA B 31 26.33 -8.48 5.55
CA ALA B 31 26.40 -9.94 5.71
C ALA B 31 25.24 -10.63 5.02
N ALA B 32 24.05 -10.01 5.04
CA ALA B 32 22.89 -10.61 4.37
C ALA B 32 23.11 -10.70 2.87
N LEU B 33 23.64 -9.63 2.26
CA LEU B 33 23.92 -9.67 0.82
C LEU B 33 25.03 -10.68 0.50
N ASP B 34 26.03 -10.78 1.38
CA ASP B 34 27.08 -11.78 1.16
C ASP B 34 26.50 -13.20 1.16
N ARG B 35 25.44 -13.45 1.92
CA ARG B 35 24.82 -14.76 1.91
C ARG B 35 23.90 -14.95 0.71
N LEU B 36 23.31 -13.87 0.20
CA LEU B 36 22.34 -13.97 -0.88
C LEU B 36 23.02 -14.05 -2.25
N LEU B 37 23.92 -13.11 -2.54
CA LEU B 37 24.36 -12.90 -3.92
C LEU B 37 25.01 -14.11 -4.59
N PRO B 38 25.84 -14.92 -3.92
CA PRO B 38 26.38 -16.11 -4.60
C PRO B 38 25.32 -17.09 -5.09
N GLN B 39 24.09 -17.00 -4.56
CA GLN B 39 23.02 -17.91 -4.96
C GLN B 39 22.15 -17.39 -6.10
N VAL B 40 22.34 -16.14 -6.51
CA VAL B 40 21.52 -15.53 -7.56
C VAL B 40 22.15 -15.84 -8.92
N ASP B 41 21.51 -16.73 -9.67
CA ASP B 41 21.98 -17.11 -10.99
C ASP B 41 21.19 -16.44 -12.12
N GLY B 42 20.16 -15.67 -11.79
CA GLY B 42 19.34 -15.04 -12.80
C GLY B 42 18.48 -15.97 -13.62
N LYS B 43 18.43 -17.26 -13.27
CA LYS B 43 17.67 -18.24 -14.03
C LYS B 43 16.62 -18.93 -13.16
N GLN B 44 17.04 -19.65 -12.13
CA GLN B 44 16.11 -20.20 -11.15
C GLN B 44 15.88 -19.27 -9.96
N LEU B 45 16.77 -18.31 -9.73
CA LEU B 45 16.60 -17.28 -8.71
C LEU B 45 16.97 -15.94 -9.32
N LEU B 46 15.99 -15.05 -9.42
CA LEU B 46 16.20 -13.71 -9.96
C LEU B 46 16.05 -12.67 -8.85
N LEU B 47 16.71 -11.53 -9.04
CA LEU B 47 16.81 -10.51 -8.01
C LEU B 47 16.32 -9.17 -8.53
N GLY B 48 15.53 -8.49 -7.71
CA GLY B 48 15.13 -7.12 -8.00
C GLY B 48 15.42 -6.23 -6.82
N ILE B 49 15.74 -4.97 -7.12
CA ILE B 49 16.16 -4.01 -6.12
C ILE B 49 15.15 -2.87 -6.09
N GLY B 50 14.65 -2.56 -4.89
CA GLY B 50 13.67 -1.53 -4.73
C GLY B 50 14.28 -0.19 -4.31
N ALA B 51 13.52 0.87 -4.57
CA ALA B 51 13.94 2.22 -4.18
C ALA B 51 14.30 2.37 -2.71
N PRO B 52 13.57 1.80 -1.74
CA PRO B 52 13.99 1.96 -0.33
C PRO B 52 15.40 1.45 -0.06
N LEU B 53 15.80 0.36 -0.71
CA LEU B 53 17.14 -0.17 -0.49
C LEU B 53 18.21 0.78 -1.02
N ALA B 54 17.98 1.36 -2.19
CA ALA B 54 18.90 2.37 -2.71
C ALA B 54 18.95 3.59 -1.80
N LYS B 55 17.78 4.02 -1.30
CA LYS B 55 17.74 5.15 -0.37
C LYS B 55 18.51 4.84 0.91
N ALA B 56 18.40 3.60 1.40
CA ALA B 56 19.12 3.24 2.61
C ALA B 56 20.62 3.26 2.42
N LEU B 57 21.09 3.01 1.20
CA LEU B 57 22.50 3.05 0.87
C LEU B 57 22.95 4.39 0.32
N GLY B 58 22.05 5.37 0.27
CA GLY B 58 22.40 6.69 -0.24
C GLY B 58 22.79 6.71 -1.71
N ARG B 59 22.32 5.75 -2.48
CA ARG B 59 22.67 5.65 -3.89
C ARG B 59 21.44 5.87 -4.78
N GLU B 60 21.65 6.59 -5.88
CA GLU B 60 20.61 6.86 -6.86
C GLU B 60 20.87 5.96 -8.06
N ILE B 61 20.00 4.96 -8.25
CA ILE B 61 20.09 4.04 -9.36
C ILE B 61 19.37 4.66 -10.55
N PRO B 62 20.02 4.87 -11.68
CA PRO B 62 19.34 5.47 -12.84
C PRO B 62 18.16 4.61 -13.29
N GLY B 63 17.00 5.25 -13.39
CA GLY B 63 15.79 4.56 -13.79
C GLY B 63 14.98 3.97 -12.66
N LEU B 64 15.54 3.88 -11.46
CA LEU B 64 14.85 3.28 -10.32
C LEU B 64 14.13 4.35 -9.52
N ARG B 65 12.85 4.11 -9.25
CA ARG B 65 12.02 4.99 -8.44
C ARG B 65 10.90 4.15 -7.83
N PRO B 66 10.22 4.65 -6.81
CA PRO B 66 9.13 3.87 -6.22
C PRO B 66 7.95 3.76 -7.17
N PHE B 67 7.15 2.72 -6.96
CA PHE B 67 5.88 2.61 -7.65
C PHE B 67 5.08 3.89 -7.42
N PRO B 68 4.53 4.50 -8.46
CA PRO B 68 4.01 5.87 -8.35
C PRO B 68 2.66 5.91 -7.65
N LEU B 69 2.26 7.13 -7.28
CA LEU B 69 0.98 7.39 -6.65
C LEU B 69 0.06 8.01 -7.69
N LEU B 70 -0.94 7.25 -8.12
CA LEU B 70 -1.88 7.68 -9.15
C LEU B 70 -3.15 8.19 -8.48
N ASP B 71 -3.38 9.50 -8.58
CA ASP B 71 -4.55 10.14 -7.99
C ASP B 71 -5.71 10.02 -8.97
N ALA B 72 -6.32 8.84 -8.99
CA ALA B 72 -7.34 8.49 -9.97
C ALA B 72 -8.63 8.08 -9.26
N ALA B 73 -9.65 7.80 -10.06
CA ALA B 73 -10.92 7.26 -9.56
C ALA B 73 -10.88 5.76 -9.37
N VAL B 74 -9.77 5.11 -9.69
CA VAL B 74 -9.56 3.71 -9.38
C VAL B 74 -8.30 3.60 -8.52
N GLU B 75 -8.13 2.44 -7.89
CA GLU B 75 -7.13 2.27 -6.84
C GLU B 75 -5.97 1.43 -7.36
N ASN B 76 -4.78 2.03 -7.37
CA ASN B 76 -3.53 1.32 -7.68
C ASN B 76 -2.60 1.61 -6.51
N PRO B 77 -2.59 0.76 -5.49
CA PRO B 77 -1.77 1.03 -4.31
C PRO B 77 -0.28 0.95 -4.60
N SER B 78 0.48 1.68 -3.81
CA SER B 78 1.95 1.62 -3.84
C SER B 78 2.42 0.93 -2.56
N THR B 79 2.88 -0.30 -2.69
CA THR B 79 3.45 -1.03 -1.56
C THR B 79 4.89 -1.39 -1.87
N GLN B 80 5.73 -0.36 -2.02
CA GLN B 80 7.11 -0.57 -2.43
C GLN B 80 7.90 -1.23 -1.32
N HIS B 81 8.65 -2.26 -1.67
CA HIS B 81 9.54 -2.95 -0.74
C HIS B 81 10.99 -2.81 -1.20
N ALA B 82 11.92 -3.30 -0.38
CA ALA B 82 13.34 -3.07 -0.61
C ALA B 82 13.97 -4.07 -1.57
N LEU B 83 13.48 -5.31 -1.60
CA LEU B 83 14.16 -6.36 -2.35
C LEU B 83 13.15 -7.40 -2.80
N TRP B 84 13.33 -7.88 -4.03
CA TRP B 84 12.43 -8.84 -4.65
C TRP B 84 13.22 -10.06 -5.08
N LEU B 85 12.79 -11.24 -4.65
CA LEU B 85 13.35 -12.51 -5.10
C LEU B 85 12.30 -13.26 -5.92
N TRP B 86 12.71 -13.70 -7.11
CA TRP B 86 11.83 -14.35 -8.07
C TRP B 86 12.37 -15.75 -8.33
N LEU B 87 11.72 -16.75 -7.74
CA LEU B 87 12.11 -18.14 -7.89
C LEU B 87 11.27 -18.80 -8.97
N ARG B 88 11.91 -19.55 -9.86
CA ARG B 88 11.25 -20.20 -10.97
C ARG B 88 11.60 -21.69 -10.97
N GLY B 89 10.60 -22.53 -11.19
CA GLY B 89 10.83 -23.96 -11.22
C GLY B 89 9.54 -24.71 -11.50
N ASP B 90 9.70 -26.01 -11.74
CA ASP B 90 8.58 -26.90 -12.03
C ASP B 90 8.05 -27.63 -10.81
N ASP B 91 8.81 -27.66 -9.72
CA ASP B 91 8.44 -28.37 -8.51
C ASP B 91 8.11 -27.34 -7.43
N ARG B 92 6.83 -27.26 -7.05
CA ARG B 92 6.41 -26.27 -6.05
C ARG B 92 7.13 -26.49 -4.72
N GLY B 93 7.24 -27.75 -4.29
CA GLY B 93 7.89 -28.03 -3.02
C GLY B 93 9.35 -27.61 -3.01
N ASP B 94 10.05 -27.82 -4.12
CA ASP B 94 11.44 -27.41 -4.21
C ASP B 94 11.59 -25.90 -4.13
N LEU B 95 10.65 -25.15 -4.72
CA LEU B 95 10.72 -23.70 -4.66
C LEU B 95 10.50 -23.18 -3.25
N PHE B 96 9.52 -23.75 -2.53
CA PHE B 96 9.26 -23.33 -1.16
C PHE B 96 10.44 -23.66 -0.25
N HIS B 97 11.06 -24.83 -0.45
CA HIS B 97 12.22 -25.18 0.36
C HIS B 97 13.37 -24.21 0.12
N ARG B 98 13.61 -23.83 -1.13
CA ARG B 98 14.59 -22.79 -1.43
C ARG B 98 14.17 -21.44 -0.86
N ALA B 99 12.87 -21.14 -0.91
CA ALA B 99 12.37 -19.87 -0.38
C ALA B 99 12.70 -19.73 1.10
N GLN B 100 12.44 -20.77 1.89
CA GLN B 100 12.72 -20.72 3.32
C GLN B 100 14.20 -20.49 3.59
N ALA B 101 15.08 -21.17 2.86
CA ALA B 101 16.51 -20.96 3.03
C ALA B 101 16.90 -19.52 2.73
N LEU B 102 16.31 -18.93 1.68
CA LEU B 102 16.63 -17.54 1.34
C LEU B 102 16.08 -16.58 2.38
N ILE B 103 14.87 -16.82 2.87
CA ILE B 103 14.29 -15.97 3.91
C ILE B 103 15.19 -15.95 5.14
N GLN B 104 15.65 -17.12 5.57
CA GLN B 104 16.52 -17.19 6.74
C GLN B 104 17.88 -16.57 6.48
N ALA B 105 18.38 -16.67 5.25
CA ALA B 105 19.67 -16.07 4.91
C ALA B 105 19.63 -14.54 4.97
N LEU B 106 18.48 -13.95 4.65
CA LEU B 106 18.31 -12.49 4.62
C LEU B 106 17.93 -11.90 5.97
N ALA B 107 17.60 -12.75 6.95
CA ALA B 107 17.17 -12.37 8.29
C ALA B 107 18.33 -11.69 9.02
N PRO B 108 18.14 -11.24 10.27
CA PRO B 108 18.54 -9.88 10.67
C PRO B 108 18.22 -8.77 9.69
N ALA B 109 18.94 -8.64 8.57
CA ALA B 109 18.79 -7.45 7.73
C ALA B 109 17.37 -7.26 7.22
N PHE B 110 16.78 -8.31 6.63
CA PHE B 110 15.47 -8.20 6.01
C PHE B 110 14.43 -9.02 6.77
N VAL B 111 13.18 -8.56 6.70
CA VAL B 111 12.01 -9.33 7.11
C VAL B 111 11.13 -9.54 5.89
N LEU B 112 10.48 -10.71 5.82
CA LEU B 112 9.58 -10.99 4.71
C LEU B 112 8.33 -10.11 4.82
N ALA B 113 8.08 -9.33 3.78
CA ALA B 113 6.93 -8.42 3.75
C ALA B 113 5.75 -8.98 2.94
N ASP B 114 6.03 -9.76 1.90
CA ASP B 114 4.98 -10.27 1.04
C ASP B 114 5.49 -11.51 0.33
N GLU B 115 4.56 -12.42 0.02
CA GLU B 115 4.87 -13.62 -0.73
C GLU B 115 3.71 -13.92 -1.66
N VAL B 116 4.03 -14.27 -2.90
CA VAL B 116 3.03 -14.65 -3.89
C VAL B 116 3.43 -15.99 -4.47
N ASP B 117 2.51 -16.95 -4.41
CA ASP B 117 2.72 -18.27 -5.00
C ASP B 117 2.01 -18.27 -6.35
N GLY B 118 2.79 -18.17 -7.42
CA GLY B 118 2.25 -18.11 -8.77
C GLY B 118 2.26 -19.48 -9.41
N PHE B 119 1.26 -19.73 -10.24
CA PHE B 119 1.19 -20.96 -11.02
C PHE B 119 0.61 -20.65 -12.39
N ARG B 120 1.00 -21.47 -13.37
CA ARG B 120 0.63 -21.24 -14.75
C ARG B 120 -0.51 -22.14 -15.19
N ASP B 132 -3.68 -13.49 -23.48
CA ASP B 132 -3.31 -14.44 -24.52
C ASP B 132 -1.80 -14.52 -24.71
N GLY B 133 -1.13 -13.37 -24.74
CA GLY B 133 0.29 -13.36 -24.96
C GLY B 133 0.67 -13.35 -26.41
N THR B 134 -0.29 -13.27 -27.32
CA THR B 134 0.00 -13.17 -28.75
C THR B 134 0.63 -11.85 -29.12
N GLU B 135 0.48 -10.83 -28.27
CA GLU B 135 1.10 -9.54 -28.52
C GLU B 135 2.32 -9.32 -27.64
N ASN B 136 2.72 -10.33 -26.88
CA ASN B 136 3.94 -10.23 -26.11
C ASN B 136 5.14 -10.23 -27.05
N PRO B 137 6.13 -9.36 -26.84
CA PRO B 137 7.34 -9.39 -27.67
C PRO B 137 8.07 -10.73 -27.58
N GLN B 138 8.71 -11.11 -28.67
CA GLN B 138 9.43 -12.37 -28.79
C GLN B 138 10.83 -12.11 -29.32
N GLY B 139 11.73 -13.04 -29.03
CA GLY B 139 13.05 -13.02 -29.64
C GLY B 139 13.82 -11.74 -29.35
N ASP B 140 14.42 -11.18 -30.40
CA ASP B 140 15.18 -9.94 -30.25
C ASP B 140 14.29 -8.77 -29.88
N GLU B 141 13.02 -8.80 -30.27
CA GLU B 141 12.10 -7.73 -29.90
C GLU B 141 11.81 -7.75 -28.40
N ALA B 142 11.80 -8.94 -27.78
CA ALA B 142 11.65 -9.02 -26.34
C ALA B 142 12.87 -8.48 -25.61
N VAL B 143 14.07 -8.77 -26.14
CA VAL B 143 15.29 -8.19 -25.60
C VAL B 143 15.24 -6.67 -25.66
N GLU B 144 14.86 -6.14 -26.82
CA GLU B 144 14.80 -4.69 -27.01
C GLU B 144 13.79 -4.04 -26.08
N ALA B 145 12.64 -4.68 -25.87
CA ALA B 145 11.59 -4.09 -25.06
C ALA B 145 11.92 -4.12 -23.57
N ALA B 146 12.60 -5.17 -23.11
CA ALA B 146 12.72 -5.41 -21.67
C ALA B 146 14.10 -5.12 -21.09
N ILE B 147 15.16 -5.12 -21.89
CA ILE B 147 16.52 -5.06 -21.38
C ILE B 147 17.15 -3.73 -21.79
N ALA B 148 17.66 -3.00 -20.80
CA ALA B 148 18.41 -1.78 -21.04
C ALA B 148 19.81 -2.11 -21.57
N ASP B 149 20.51 -1.06 -22.01
CA ASP B 149 21.81 -1.26 -22.67
C ASP B 149 22.80 -1.96 -21.75
N ASP B 150 22.78 -1.66 -20.45
CA ASP B 150 23.70 -2.29 -19.52
C ASP B 150 23.30 -3.71 -19.13
N GLY B 151 22.18 -4.22 -19.63
CA GLY B 151 21.69 -5.51 -19.25
C GLY B 151 20.71 -5.51 -18.10
N SER B 152 20.37 -4.33 -17.57
CA SER B 152 19.37 -4.25 -16.51
C SER B 152 17.96 -4.37 -17.09
N SER B 153 17.02 -4.69 -16.21
CA SER B 153 15.60 -4.61 -16.53
C SER B 153 14.87 -3.95 -15.37
N PHE B 154 13.68 -3.43 -15.67
CA PHE B 154 12.89 -2.68 -14.70
C PHE B 154 11.49 -3.29 -14.67
N ALA B 155 11.13 -3.88 -13.54
CA ALA B 155 9.94 -4.72 -13.41
C ALA B 155 8.89 -4.03 -12.55
N ALA B 156 7.66 -4.00 -13.04
CA ALA B 156 6.51 -3.57 -12.28
C ALA B 156 5.71 -4.79 -11.85
N PHE B 157 5.36 -4.85 -10.57
CA PHE B 157 4.66 -5.99 -10.01
C PHE B 157 3.37 -5.51 -9.36
N GLN B 158 2.25 -6.13 -9.74
CA GLN B 158 0.94 -5.84 -9.15
C GLN B 158 0.22 -7.15 -8.87
N LEU B 159 -0.27 -7.31 -7.64
CA LEU B 159 -1.08 -8.46 -7.28
C LEU B 159 -2.55 -8.10 -7.45
N TRP B 160 -3.14 -8.51 -8.57
CA TRP B 160 -4.52 -8.17 -8.91
C TRP B 160 -5.47 -9.21 -8.34
N LYS B 161 -6.55 -8.73 -7.72
CA LYS B 161 -7.61 -9.58 -7.19
C LYS B 161 -8.86 -9.38 -8.03
N HIS B 162 -9.37 -10.46 -8.62
CA HIS B 162 -10.56 -10.39 -9.46
C HIS B 162 -11.76 -11.00 -8.75
N ASP B 163 -12.94 -10.61 -9.21
CA ASP B 163 -14.21 -11.23 -8.80
C ASP B 163 -14.83 -11.85 -10.05
N LEU B 164 -14.37 -13.05 -10.40
CA LEU B 164 -14.90 -13.72 -11.57
C LEU B 164 -16.37 -14.08 -11.41
N ASP B 165 -16.83 -14.26 -10.17
CA ASP B 165 -18.25 -14.46 -9.93
C ASP B 165 -19.08 -13.29 -10.46
N TYR B 166 -18.59 -12.07 -10.24
CA TYR B 166 -19.30 -10.91 -10.75
C TYR B 166 -19.13 -10.77 -12.26
N PHE B 167 -17.94 -11.11 -12.77
CA PHE B 167 -17.66 -10.94 -14.20
C PHE B 167 -18.51 -11.89 -15.03
N LYS B 168 -18.59 -13.16 -14.62
CA LYS B 168 -19.38 -14.13 -15.37
C LYS B 168 -20.88 -13.99 -15.12
N SER B 169 -21.28 -13.18 -14.15
CA SER B 169 -22.70 -12.88 -13.97
C SER B 169 -23.21 -11.87 -14.97
N LEU B 170 -22.33 -11.07 -15.56
CA LEU B 170 -22.73 -10.12 -16.59
C LEU B 170 -23.00 -10.89 -17.89
N PRO B 171 -23.88 -10.35 -18.74
CA PRO B 171 -24.10 -10.98 -20.04
C PRO B 171 -22.82 -11.03 -20.86
N GLN B 172 -22.70 -12.07 -21.69
CA GLN B 172 -21.45 -12.32 -22.41
C GLN B 172 -21.02 -11.13 -23.24
N ALA B 173 -21.98 -10.33 -23.72
CA ALA B 173 -21.63 -9.14 -24.50
C ALA B 173 -20.89 -8.12 -23.64
N GLU B 174 -21.32 -7.94 -22.38
CA GLU B 174 -20.64 -7.00 -21.50
C GLU B 174 -19.27 -7.51 -21.11
N GLN B 175 -19.13 -8.82 -20.90
CA GLN B 175 -17.81 -9.41 -20.66
C GLN B 175 -16.86 -9.08 -21.81
N ASP B 176 -17.32 -9.27 -23.04
CA ASP B 176 -16.46 -9.05 -24.20
C ASP B 176 -16.12 -7.57 -24.39
N ASN B 177 -17.04 -6.67 -24.04
CA ASN B 177 -16.74 -5.24 -24.12
C ASN B 177 -15.73 -4.81 -23.08
N ILE B 178 -15.65 -5.54 -21.95
CA ILE B 178 -14.68 -5.18 -20.91
C ILE B 178 -13.27 -5.56 -21.35
N ILE B 179 -13.11 -6.74 -21.94
CA ILE B 179 -11.79 -7.17 -22.40
C ILE B 179 -11.48 -6.57 -23.77
N GLY B 180 -12.46 -6.54 -24.66
CA GLY B 180 -12.26 -6.08 -26.02
C GLY B 180 -12.14 -7.17 -27.06
N ARG B 181 -12.40 -8.43 -26.70
CA ARG B 181 -12.40 -9.54 -27.65
C ARG B 181 -13.52 -10.50 -27.34
N GLU B 188 -11.22 -10.32 -31.92
CA GLU B 188 -11.05 -8.94 -31.50
C GLU B 188 -12.26 -8.11 -31.91
N LEU B 189 -12.68 -7.18 -31.05
CA LEU B 189 -13.87 -6.37 -31.27
C LEU B 189 -13.46 -4.95 -31.64
N ASP B 190 -13.69 -4.56 -32.90
CA ASP B 190 -13.35 -3.22 -33.34
C ASP B 190 -14.33 -2.17 -32.81
N ASP B 191 -15.60 -2.53 -32.67
CA ASP B 191 -16.61 -1.61 -32.16
C ASP B 191 -16.64 -1.56 -30.64
N ALA B 192 -15.69 -2.21 -29.96
CA ALA B 192 -15.64 -2.16 -28.51
C ALA B 192 -15.34 -0.73 -28.04
N PRO B 193 -15.88 -0.34 -26.90
CA PRO B 193 -15.60 1.01 -26.38
C PRO B 193 -14.13 1.19 -26.05
N GLU B 194 -13.71 2.46 -26.02
CA GLU B 194 -12.32 2.78 -25.71
C GLU B 194 -11.91 2.31 -24.32
N SER B 195 -12.88 2.02 -23.45
CA SER B 195 -12.59 1.51 -22.12
C SER B 195 -12.18 0.04 -22.12
N ALA B 196 -12.35 -0.66 -23.24
CA ALA B 196 -11.97 -2.06 -23.32
C ALA B 196 -10.47 -2.22 -23.05
N HIS B 197 -10.12 -3.31 -22.38
CA HIS B 197 -8.75 -3.47 -21.89
C HIS B 197 -7.74 -3.46 -23.03
N VAL B 198 -8.00 -4.22 -24.09
CA VAL B 198 -7.05 -4.28 -25.21
C VAL B 198 -6.98 -2.95 -25.95
N LYS B 199 -8.00 -2.10 -25.83
CA LYS B 199 -7.90 -0.76 -26.41
C LYS B 199 -7.14 0.20 -25.50
N ARG B 200 -7.21 0.01 -24.18
CA ARG B 200 -6.43 0.83 -23.26
C ARG B 200 -4.95 0.49 -23.33
N THR B 201 -4.61 -0.77 -23.54
CA THR B 201 -3.23 -1.23 -23.47
C THR B 201 -2.61 -1.50 -24.83
N ALA B 202 -3.24 -1.07 -25.92
CA ALA B 202 -2.66 -1.25 -27.25
C ALA B 202 -1.26 -0.64 -27.26
N GLN B 203 -0.24 -1.51 -27.27
CA GLN B 203 1.14 -1.04 -27.10
C GLN B 203 1.55 -0.09 -28.23
N GLU B 204 0.97 -0.24 -29.41
CA GLU B 204 1.26 0.65 -30.53
C GLU B 204 0.55 1.99 -30.42
N SER B 205 -0.46 2.11 -29.55
CA SER B 205 -1.31 3.30 -29.49
C SER B 205 -0.71 4.42 -28.65
N PHE B 206 0.45 4.21 -28.04
CA PHE B 206 1.10 5.23 -27.23
C PHE B 206 2.17 5.93 -28.06
N GLU B 207 2.27 7.26 -27.90
CA GLU B 207 3.12 8.05 -28.79
C GLU B 207 4.57 7.59 -28.78
N PRO B 208 5.25 7.42 -27.63
CA PRO B 208 6.35 6.45 -27.60
C PRO B 208 5.77 5.08 -27.32
N GLU B 209 5.85 4.20 -28.32
CA GLU B 209 5.18 2.91 -28.22
C GLU B 209 5.56 2.21 -26.92
N ALA B 210 4.56 1.63 -26.28
CA ALA B 210 4.73 1.15 -24.92
C ALA B 210 4.78 -0.37 -24.87
N PHE B 211 5.76 -0.95 -25.56
CA PHE B 211 5.94 -2.39 -25.52
C PHE B 211 6.66 -2.80 -24.26
N MET B 212 6.20 -3.90 -23.67
CA MET B 212 6.78 -4.47 -22.47
C MET B 212 6.66 -5.98 -22.56
N VAL B 213 7.45 -6.67 -21.76
CA VAL B 213 7.39 -8.13 -21.71
C VAL B 213 6.66 -8.52 -20.44
N ARG B 214 5.50 -9.16 -20.60
CA ARG B 214 4.68 -9.56 -19.47
C ARG B 214 4.98 -11.01 -19.09
N ARG B 215 5.09 -11.24 -17.78
CA ARG B 215 5.44 -12.55 -17.24
C ARG B 215 4.53 -12.82 -16.04
N SER B 216 3.22 -12.80 -16.29
CA SER B 216 2.24 -12.91 -15.22
C SER B 216 1.93 -14.37 -14.90
N MET B 217 1.37 -14.57 -13.71
CA MET B 217 0.98 -15.90 -13.23
C MET B 217 -0.32 -15.78 -12.45
N SER B 218 -1.05 -16.89 -12.36
CA SER B 218 -2.23 -16.95 -11.52
C SER B 218 -1.84 -17.14 -10.07
N TRP B 219 -2.71 -16.69 -9.15
CA TRP B 219 -2.46 -16.86 -7.73
C TRP B 219 -3.78 -17.08 -7.01
N ALA B 220 -3.68 -17.64 -5.80
CA ALA B 220 -4.84 -17.85 -4.95
C ALA B 220 -4.36 -18.15 -3.54
N ASP B 221 -4.71 -17.29 -2.59
CA ASP B 221 -4.46 -17.56 -1.18
C ASP B 221 -5.55 -16.87 -0.36
N GLY B 222 -5.28 -16.63 0.93
CA GLY B 222 -6.26 -16.02 1.80
C GLY B 222 -6.73 -14.65 1.36
N ARG B 223 -5.95 -13.96 0.53
CA ARG B 223 -6.36 -12.65 0.02
C ARG B 223 -7.35 -12.74 -1.12
N GLY B 224 -7.59 -13.93 -1.66
CA GLY B 224 -8.45 -14.10 -2.83
C GLY B 224 -7.72 -14.84 -3.94
N ALA B 225 -8.09 -14.49 -5.17
CA ALA B 225 -7.48 -15.08 -6.35
C ALA B 225 -7.44 -14.06 -7.47
N GLY B 226 -6.49 -14.24 -8.39
CA GLY B 226 -6.36 -13.37 -9.53
C GLY B 226 -5.09 -13.56 -10.32
N LEU B 227 -4.52 -12.46 -10.81
CA LEU B 227 -3.32 -12.48 -11.64
C LEU B 227 -2.20 -11.74 -10.93
N ALA B 228 -1.04 -12.39 -10.80
CA ALA B 228 0.18 -11.72 -10.34
C ALA B 228 0.83 -11.10 -11.57
N PHE B 229 0.60 -9.81 -11.79
CA PHE B 229 1.03 -9.16 -13.01
C PHE B 229 2.48 -8.71 -12.91
N VAL B 230 3.27 -9.04 -13.92
CA VAL B 230 4.70 -8.70 -13.97
C VAL B 230 4.99 -8.12 -15.35
N ALA B 231 5.40 -6.86 -15.38
CA ALA B 231 5.73 -6.16 -16.62
C ALA B 231 7.19 -5.73 -16.56
N LEU B 232 7.99 -6.23 -17.48
CA LEU B 232 9.43 -5.95 -17.54
C LEU B 232 9.73 -5.08 -18.75
N GLY B 233 10.45 -3.98 -18.52
CA GLY B 233 10.85 -3.10 -19.60
C GLY B 233 12.26 -2.59 -19.38
N HIS B 234 12.82 -2.03 -20.46
CA HIS B 234 14.11 -1.36 -20.35
C HIS B 234 14.02 -0.09 -19.51
N SER B 235 12.81 0.35 -19.20
CA SER B 235 12.55 1.34 -18.16
C SER B 235 11.11 1.13 -17.70
N PHE B 236 10.70 1.90 -16.69
CA PHE B 236 9.33 1.80 -16.21
C PHE B 236 8.35 2.58 -17.07
N ASP B 237 8.83 3.29 -18.10
CA ASP B 237 7.97 4.21 -18.84
C ASP B 237 6.81 3.50 -19.52
N ALA B 238 7.06 2.34 -20.14
CA ALA B 238 6.01 1.63 -20.86
C ALA B 238 4.87 1.25 -19.91
N PHE B 239 5.19 0.57 -18.81
CA PHE B 239 4.17 0.19 -17.84
C PHE B 239 3.41 1.40 -17.31
N GLU B 240 4.13 2.48 -17.00
CA GLU B 240 3.50 3.57 -16.26
C GLU B 240 2.53 4.37 -17.13
N VAL B 241 2.89 4.62 -18.39
CA VAL B 241 1.95 5.34 -19.26
C VAL B 241 0.72 4.49 -19.54
N GLN B 242 0.89 3.17 -19.64
CA GLN B 242 -0.25 2.28 -19.81
C GLN B 242 -1.15 2.30 -18.57
N LEU B 243 -0.56 2.20 -17.39
CA LEU B 243 -1.36 2.20 -16.17
C LEU B 243 -2.09 3.53 -15.99
N ARG B 244 -1.44 4.64 -16.33
CA ARG B 244 -2.09 5.94 -16.22
C ARG B 244 -3.28 6.04 -17.18
N ARG B 245 -3.15 5.48 -18.38
CA ARG B 245 -4.29 5.46 -19.30
C ARG B 245 -5.38 4.55 -18.79
N MET B 246 -5.01 3.38 -18.25
CA MET B 246 -5.99 2.47 -17.66
C MET B 246 -6.76 3.13 -16.53
N SER B 247 -6.11 4.02 -15.77
CA SER B 247 -6.71 4.67 -14.62
C SER B 247 -7.49 5.92 -14.97
N GLY B 248 -7.66 6.22 -16.26
CA GLY B 248 -8.40 7.40 -16.67
C GLY B 248 -7.63 8.70 -16.58
N LEU B 249 -6.34 8.67 -16.25
CA LEU B 249 -5.57 9.89 -16.09
C LEU B 249 -5.17 10.51 -17.42
N GLU B 250 -5.31 9.78 -18.53
CA GLU B 250 -4.92 10.31 -19.84
C GLU B 250 -6.09 10.97 -20.56
N ASP B 251 -7.25 10.29 -20.61
CA ASP B 251 -8.39 10.81 -21.35
C ASP B 251 -9.71 10.67 -20.59
N GLY B 252 -9.65 10.46 -19.27
CA GLY B 252 -10.85 10.30 -18.47
C GLY B 252 -11.56 8.97 -18.63
N ILE B 253 -11.09 8.08 -19.49
CA ILE B 253 -11.72 6.79 -19.75
C ILE B 253 -10.99 5.74 -18.93
N ILE B 254 -11.72 5.03 -18.08
CA ILE B 254 -11.14 4.04 -17.17
C ILE B 254 -11.25 2.66 -17.81
N ASP B 255 -10.19 1.86 -17.65
CA ASP B 255 -10.20 0.50 -18.14
C ASP B 255 -11.33 -0.30 -17.50
N GLY B 256 -12.02 -1.11 -18.32
CA GLY B 256 -13.09 -1.96 -17.83
C GLY B 256 -12.64 -3.01 -16.85
N LEU B 257 -11.34 -3.34 -16.83
CA LEU B 257 -10.81 -4.28 -15.85
C LEU B 257 -11.19 -3.90 -14.42
N TYR B 258 -11.17 -2.60 -14.12
CA TYR B 258 -11.45 -2.13 -12.77
C TYR B 258 -12.89 -2.39 -12.34
N ARG B 259 -13.78 -2.81 -13.25
CA ARG B 259 -15.14 -3.12 -12.85
C ARG B 259 -15.22 -4.43 -12.06
N PHE B 260 -14.27 -5.35 -12.28
CA PHE B 260 -14.28 -6.63 -11.61
C PHE B 260 -12.94 -7.03 -11.01
N SER B 261 -11.91 -6.19 -11.14
CA SER B 261 -10.58 -6.53 -10.65
C SER B 261 -9.89 -5.26 -10.17
N ARG B 262 -8.99 -5.40 -9.21
CA ARG B 262 -8.23 -4.29 -8.69
C ARG B 262 -6.92 -4.81 -8.12
N PRO B 263 -5.84 -4.04 -8.24
CA PRO B 263 -4.56 -4.48 -7.66
C PRO B 263 -4.51 -4.28 -6.16
N LEU B 264 -4.00 -5.29 -5.46
CA LEU B 264 -3.82 -5.20 -4.02
C LEU B 264 -2.45 -4.65 -3.63
N THR B 265 -1.46 -4.77 -4.52
CA THR B 265 -0.10 -4.34 -4.24
C THR B 265 0.46 -3.63 -5.47
N GLY B 266 1.59 -2.97 -5.28
CA GLY B 266 2.29 -2.31 -6.37
C GLY B 266 3.75 -2.08 -6.07
N GLY B 267 4.63 -2.49 -6.99
CA GLY B 267 6.06 -2.32 -6.77
C GLY B 267 6.90 -2.17 -8.02
N TYR B 268 7.92 -1.33 -7.92
CA TYR B 268 8.93 -1.13 -8.97
C TYR B 268 10.23 -1.76 -8.52
N TYR B 269 10.88 -2.52 -9.40
CA TYR B 269 12.14 -3.14 -9.04
C TYR B 269 13.13 -3.09 -10.21
N TRP B 270 14.36 -2.74 -9.89
CA TRP B 270 15.47 -2.79 -10.83
C TRP B 270 16.12 -4.16 -10.78
N CYS B 271 16.04 -4.89 -11.90
CA CYS B 271 16.72 -6.18 -12.02
C CYS B 271 18.14 -5.93 -12.51
N PRO B 272 19.16 -6.15 -11.69
CA PRO B 272 20.52 -5.80 -12.08
C PRO B 272 21.03 -6.72 -13.17
N PRO B 273 22.08 -6.33 -13.89
CA PRO B 273 22.66 -7.21 -14.90
C PRO B 273 23.41 -8.37 -14.26
N MET B 274 23.77 -9.34 -15.10
CA MET B 274 24.64 -10.43 -14.71
C MET B 274 26.04 -10.17 -15.25
N SER B 275 27.05 -10.47 -14.44
CA SER B 275 28.41 -10.57 -14.92
C SER B 275 28.69 -12.00 -15.36
N GLU B 276 29.93 -12.26 -15.78
CA GLU B 276 30.31 -13.63 -16.10
C GLU B 276 30.27 -14.54 -14.88
N THR B 277 30.33 -13.96 -13.67
CA THR B 277 30.43 -14.73 -12.44
C THR B 277 29.20 -14.63 -11.54
N GLY B 278 28.22 -13.81 -11.88
CA GLY B 278 27.04 -13.65 -11.05
C GLY B 278 26.41 -12.30 -11.25
N VAL B 279 25.44 -11.99 -10.38
CA VAL B 279 24.67 -10.76 -10.51
C VAL B 279 25.55 -9.56 -10.18
N ASP B 280 25.37 -8.48 -10.92
CA ASP B 280 26.26 -7.32 -10.90
C ASP B 280 25.55 -6.19 -10.18
N LEU B 281 25.88 -6.01 -8.89
CA LEU B 281 25.32 -4.94 -8.07
C LEU B 281 26.32 -3.81 -7.83
N SER B 282 27.31 -3.65 -8.72
CA SER B 282 28.32 -2.63 -8.52
C SER B 282 27.73 -1.23 -8.58
N ALA B 283 26.64 -1.03 -9.32
CA ALA B 283 25.99 0.27 -9.35
C ALA B 283 25.43 0.66 -7.98
N LEU B 284 25.05 -0.33 -7.17
CA LEU B 284 24.44 -0.10 -5.87
C LEU B 284 25.44 -0.12 -4.72
N LEU B 285 26.43 -1.01 -4.77
CA LEU B 285 27.39 -1.15 -3.68
C LEU B 285 28.75 -0.51 -3.97
N ARG B 286 29.15 -0.47 -5.24
CA ARG B 286 30.42 0.14 -5.64
C ARG B 286 31.63 -0.50 -4.95
O1 OXY C . -0.07 6.37 18.94
O2 OXY C . -1.15 6.29 19.48
CHA HEM D . 3.88 9.28 21.20
CHB HEM D . 3.61 4.50 20.32
CHC HEM D . 3.15 5.55 15.61
CHD HEM D . 2.72 10.27 16.60
C1A HEM D . 3.93 7.91 21.35
C2A HEM D . 4.36 7.22 22.56
C3A HEM D . 4.28 5.91 22.33
C4A HEM D . 3.82 5.71 20.98
CMA HEM D . 4.63 4.82 23.37
CAA HEM D . 4.78 7.88 23.88
CBA HEM D . 3.55 8.15 24.74
CGA HEM D . 2.58 9.06 24.03
O1A HEM D . 2.78 10.30 24.08
O2A HEM D . 1.63 8.55 23.38
C1B HEM D . 3.47 4.35 18.96
C2B HEM D . 3.41 3.11 18.22
C3B HEM D . 3.26 3.41 16.92
C4B HEM D . 3.26 4.85 16.80
CMB HEM D . 3.46 1.71 18.88
CAB HEM D . 3.16 2.49 15.68
CBB HEM D . 3.65 1.26 15.64
C1C HEM D . 3.03 6.91 15.46
C2C HEM D . 2.95 7.61 14.19
C3C HEM D . 2.82 8.92 14.45
C4C HEM D . 2.82 9.10 15.89
CMC HEM D . 3.00 6.96 12.80
CAC HEM D . 2.72 10.00 13.34
CBC HEM D . 2.35 11.26 13.60
C1D HEM D . 2.98 10.41 17.95
C2D HEM D . 2.92 11.65 18.70
C3D HEM D . 3.25 11.38 19.97
C4D HEM D . 3.51 9.97 20.07
CMD HEM D . 2.57 13.04 18.11
CAD HEM D . 3.33 12.42 21.12
CBD HEM D . 4.64 13.20 20.99
CGD HEM D . 4.65 14.38 21.93
O1D HEM D . 4.92 14.17 23.15
O2D HEM D . 4.39 15.52 21.47
NA HEM D . 3.63 6.96 20.41
NB HEM D . 3.39 5.40 18.06
NC HEM D . 2.94 7.85 16.47
ND HEM D . 3.33 9.41 18.82
FE HEM D . 3.39 7.40 18.44
CL CL E . -24.22 10.30 -6.24
CL CL F . -23.75 26.03 14.62
O1 OXY G . -0.34 -10.63 -18.43
O2 OXY G . -1.30 -9.94 -18.70
CHA HEM H . -3.94 -7.84 -22.94
CHB HEM H . -5.93 -9.70 -18.93
CHC HEM H . -3.58 -6.38 -16.29
CHD HEM H . -1.30 -4.78 -20.26
C1A HEM H . -4.73 -8.57 -22.09
C2A HEM H . -5.77 -9.49 -22.50
C3A HEM H . -6.33 -10.01 -21.40
C4A HEM H . -5.67 -9.44 -20.25
CMA HEM H . -7.49 -11.02 -21.37
CAA HEM H . -6.18 -9.80 -23.96
CBA HEM H . -5.31 -10.90 -24.55
CGA HEM H . -3.85 -10.51 -24.64
O1A HEM H . -3.47 -9.88 -25.66
O2A HEM H . -3.08 -10.83 -23.70
C1B HEM H . -5.47 -8.96 -17.85
C2B HEM H . -5.81 -9.19 -16.46
C3B HEM H . -5.15 -8.27 -15.73
C4B HEM H . -4.39 -7.44 -16.63
CMB HEM H . -6.76 -10.31 -15.97
CAB HEM H . -5.16 -8.05 -14.19
CBB HEM H . -6.17 -8.42 -13.40
C1C HEM H . -2.79 -5.63 -17.13
C2C HEM H . -2.02 -4.46 -16.77
C3C HEM H . -1.39 -4.01 -17.87
C4C HEM H . -1.74 -4.90 -18.96
CMC HEM H . -1.98 -3.88 -15.33
CAC HEM H . -0.43 -2.81 -18.08
CBC HEM H . -0.06 -1.95 -17.12
C1D HEM H . -1.75 -5.53 -21.33
C2D HEM H . -1.17 -5.55 -22.65
C3D HEM H . -1.89 -6.39 -23.41
C4D HEM H . -2.96 -6.94 -22.57
CMD HEM H . 0.06 -4.75 -23.12
CAD HEM H . -1.56 -6.68 -24.90
CBD HEM H . -2.77 -6.84 -25.81
CGD HEM H . -3.37 -5.50 -26.18
O1D HEM H . -3.16 -4.52 -25.42
O2D HEM H . -4.06 -5.42 -27.23
NA HEM H . -4.69 -8.56 -20.70
NB HEM H . -4.60 -7.90 -17.92
NC HEM H . -2.59 -5.86 -18.47
ND HEM H . -2.84 -6.39 -21.31
FE HEM H . -3.73 -7.14 -19.61
CL CL I . -12.34 -7.50 -6.42
CL CL J . -15.74 4.36 -23.36
#